data_2KUH
#
_entry.id   2KUH
#
loop_
_entity.id
_entity.type
_entity.pdbx_description
1 polymer Calmodulin
2 non-polymer 'CALCIUM ION'
3 non-polymer 2-BROMO-2-CHLORO-1,1,1-TRIFLUOROETHANE
#
_entity_poly.entity_id   1
_entity_poly.type   'polypeptide(L)'
_entity_poly.pdbx_seq_one_letter_code
;EEEIREAFRVFDKDGNGYISAAELRHVMTNLGEKLTDEEVDEMIREADIDGDGQVNYEEFVQMMTAK
;
_entity_poly.pdbx_strand_id   A
#
loop_
_chem_comp.id
_chem_comp.type
_chem_comp.name
_chem_comp.formula
CA non-polymer 'CALCIUM ION' 'Ca 2'
HLT non-polymer 2-BROMO-2-CHLORO-1,1,1-TRIFLUOROETHANE 'C2 H Br Cl F3'
#
# COMPACT_ATOMS: atom_id res chain seq x y z
N GLU A 1 4.78 -0.52 15.03
CA GLU A 1 4.27 -1.76 15.64
C GLU A 1 4.32 -2.83 14.61
N GLU A 2 4.20 -4.08 15.07
CA GLU A 2 4.11 -5.16 14.11
C GLU A 2 2.86 -5.12 13.24
N GLU A 3 1.77 -4.66 13.83
CA GLU A 3 0.52 -4.62 13.07
C GLU A 3 0.68 -3.89 11.75
N ILE A 4 1.16 -2.65 11.93
CA ILE A 4 1.42 -1.89 10.71
C ILE A 4 2.64 -2.34 9.92
N ARG A 5 3.75 -2.48 10.67
CA ARG A 5 5.00 -2.79 9.98
C ARG A 5 5.12 -4.24 9.53
N GLU A 6 4.97 -5.12 10.53
CA GLU A 6 5.09 -6.55 10.21
C GLU A 6 4.01 -7.04 9.27
N ALA A 7 2.77 -6.57 9.49
CA ALA A 7 1.82 -6.94 8.43
C ALA A 7 2.26 -6.35 7.12
N PHE A 8 2.78 -5.11 7.18
CA PHE A 8 3.47 -4.57 5.99
C PHE A 8 4.60 -5.42 5.43
N ARG A 9 5.24 -6.16 6.33
CA ARG A 9 6.24 -7.09 5.85
C ARG A 9 5.61 -8.23 5.07
N VAL A 10 4.47 -8.70 5.57
CA VAL A 10 3.71 -9.67 4.78
C VAL A 10 3.14 -9.08 3.50
N PHE A 11 2.84 -7.79 3.61
CA PHE A 11 2.24 -7.04 2.51
C PHE A 11 3.17 -7.02 1.33
N ASP A 12 4.41 -6.62 1.63
CA ASP A 12 5.47 -6.78 0.65
C ASP A 12 5.98 -8.21 0.65
N LYS A 13 5.16 -9.01 -0.03
CA LYS A 13 5.42 -10.45 -0.04
C LYS A 13 6.81 -10.83 -0.54
N ASP A 14 7.25 -10.01 -1.48
CA ASP A 14 8.57 -10.23 -2.05
C ASP A 14 9.67 -9.50 -1.30
N GLY A 15 9.21 -8.51 -0.53
CA GLY A 15 10.18 -7.73 0.23
C GLY A 15 11.03 -6.86 -0.68
N ASN A 16 10.47 -6.55 -1.86
CA ASN A 16 11.17 -5.72 -2.83
C ASN A 16 11.46 -4.28 -2.38
N GLY A 17 10.87 -3.87 -1.24
CA GLY A 17 10.91 -2.47 -0.82
C GLY A 17 9.82 -1.55 -1.37
N TYR A 18 9.33 -1.96 -2.54
CA TYR A 18 8.34 -1.15 -3.23
C TYR A 18 6.97 -1.81 -3.24
N ILE A 19 5.98 -0.93 -3.15
CA ILE A 19 4.59 -1.40 -3.16
C ILE A 19 3.95 -1.11 -4.50
N SER A 20 3.31 -2.13 -5.05
CA SER A 20 2.52 -1.78 -6.20
C SER A 20 1.06 -1.68 -5.82
N ALA A 21 0.32 -1.01 -6.71
CA ALA A 21 -1.14 -0.94 -6.54
C ALA A 21 -1.76 -2.32 -6.30
N ALA A 22 -1.23 -3.26 -7.11
CA ALA A 22 -1.69 -4.64 -6.91
C ALA A 22 -1.49 -5.17 -5.49
N GLU A 23 -0.36 -4.75 -4.92
CA GLU A 23 -0.09 -5.08 -3.53
C GLU A 23 -0.90 -4.28 -2.55
N LEU A 24 -1.27 -3.05 -2.94
CA LEU A 24 -2.22 -2.34 -2.10
C LEU A 24 -3.45 -3.20 -1.88
N ARG A 25 -4.00 -3.66 -3.03
CA ARG A 25 -5.11 -4.62 -2.96
C ARG A 25 -4.84 -5.86 -2.10
N HIS A 26 -3.57 -6.29 -2.10
CA HIS A 26 -3.24 -7.34 -1.12
C HIS A 26 -3.50 -6.91 0.31
N VAL A 27 -2.89 -5.76 0.65
CA VAL A 27 -3.11 -5.19 1.98
C VAL A 27 -4.59 -4.99 2.26
N MET A 28 -5.31 -4.62 1.18
CA MET A 28 -6.77 -4.48 1.27
C MET A 28 -7.47 -5.78 1.58
N THR A 29 -6.98 -6.83 0.91
CA THR A 29 -7.45 -8.16 1.26
C THR A 29 -7.24 -8.51 2.71
N ASN A 30 -6.04 -8.16 3.19
CA ASN A 30 -5.76 -8.31 4.62
C ASN A 30 -6.70 -7.50 5.51
N LEU A 31 -6.96 -6.30 5.00
CA LEU A 31 -7.84 -5.36 5.68
C LEU A 31 -9.30 -5.84 5.68
N GLY A 32 -9.53 -6.93 4.93
CA GLY A 32 -10.90 -7.44 4.86
C GLY A 32 -11.59 -6.96 3.60
N GLU A 33 -11.30 -5.69 3.32
CA GLU A 33 -11.99 -5.01 2.22
C GLU A 33 -11.17 -5.02 0.96
N LYS A 34 -11.72 -5.66 -0.05
CA LYS A 34 -10.93 -5.77 -1.28
C LYS A 34 -11.54 -4.93 -2.36
N LEU A 35 -10.76 -3.95 -2.77
CA LEU A 35 -11.31 -3.08 -3.79
C LEU A 35 -10.84 -3.55 -5.15
N THR A 36 -11.66 -3.26 -6.17
CA THR A 36 -11.34 -3.80 -7.47
C THR A 36 -10.18 -3.09 -8.14
N ASP A 37 -9.77 -3.59 -9.31
CA ASP A 37 -8.66 -2.97 -10.02
C ASP A 37 -8.76 -1.46 -10.20
N GLU A 38 -10.01 -1.03 -10.47
CA GLU A 38 -10.34 0.39 -10.63
C GLU A 38 -9.90 1.23 -9.44
N GLU A 39 -10.29 0.67 -8.30
CA GLU A 39 -9.96 1.31 -7.04
C GLU A 39 -8.49 1.19 -6.75
N VAL A 40 -7.91 0.04 -7.08
CA VAL A 40 -6.45 -0.13 -6.98
C VAL A 40 -5.63 0.95 -7.70
N ASP A 41 -6.22 1.38 -8.82
CA ASP A 41 -5.64 2.57 -9.44
C ASP A 41 -5.77 3.81 -8.58
N GLU A 42 -6.97 3.98 -8.01
CA GLU A 42 -7.10 5.00 -6.97
C GLU A 42 -6.15 4.81 -5.78
N MET A 43 -5.78 3.56 -5.55
CA MET A 43 -4.76 3.28 -4.55
C MET A 43 -3.47 3.90 -4.95
N ILE A 44 -3.10 3.79 -6.24
CA ILE A 44 -1.93 4.58 -6.65
C ILE A 44 -2.12 6.03 -6.29
N ARG A 45 -3.30 6.56 -6.59
CA ARG A 45 -3.45 7.97 -6.25
C ARG A 45 -3.28 8.33 -4.77
N GLU A 46 -4.11 7.67 -3.95
CA GLU A 46 -4.13 7.94 -2.50
C GLU A 46 -2.84 7.56 -1.80
N ALA A 47 -2.20 6.57 -2.41
CA ALA A 47 -0.95 6.13 -1.82
C ALA A 47 0.28 6.85 -2.31
N ASP A 48 0.15 7.36 -3.55
CA ASP A 48 1.25 8.08 -4.19
C ASP A 48 1.20 9.57 -3.88
N ILE A 49 1.88 9.93 -2.81
CA ILE A 49 1.89 11.33 -2.37
C ILE A 49 3.08 12.12 -2.92
N ASP A 50 4.19 11.39 -3.02
CA ASP A 50 5.41 11.92 -3.61
C ASP A 50 5.26 12.23 -5.11
N GLY A 51 4.42 11.40 -5.77
CA GLY A 51 4.28 11.62 -7.20
C GLY A 51 5.47 11.11 -8.01
N ASP A 52 5.63 9.78 -7.95
CA ASP A 52 6.67 9.11 -8.73
C ASP A 52 6.14 8.06 -9.74
N GLY A 53 4.82 7.77 -9.58
CA GLY A 53 4.19 6.72 -10.39
C GLY A 53 4.24 5.30 -9.82
N GLN A 54 4.48 5.22 -8.50
CA GLN A 54 4.72 3.99 -7.74
C GLN A 54 4.31 4.24 -6.30
N VAL A 55 4.13 3.13 -5.59
CA VAL A 55 3.72 3.32 -4.22
C VAL A 55 4.85 2.83 -3.35
N ASN A 56 5.39 3.72 -2.54
CA ASN A 56 6.45 3.20 -1.68
C ASN A 56 6.04 3.03 -0.22
N TYR A 57 7.01 2.55 0.60
CA TYR A 57 6.72 2.31 2.03
C TYR A 57 6.50 3.58 2.84
N GLU A 58 7.27 4.57 2.37
CA GLU A 58 7.19 5.88 3.02
C GLU A 58 5.82 6.44 2.88
N GLU A 59 5.37 6.34 1.63
CA GLU A 59 4.01 6.66 1.27
C GLU A 59 2.99 5.77 1.91
N PHE A 60 3.36 4.52 2.17
CA PHE A 60 2.45 3.67 2.95
C PHE A 60 2.10 4.28 4.30
N VAL A 61 3.16 4.89 4.87
CA VAL A 61 2.98 5.70 6.06
C VAL A 61 2.21 6.97 5.77
N GLN A 62 2.61 7.66 4.71
CA GLN A 62 1.95 8.92 4.39
C GLN A 62 0.44 8.81 4.09
N MET A 63 0.05 7.62 3.62
CA MET A 63 -1.35 7.37 3.28
C MET A 63 -2.18 7.21 4.53
N MET A 64 -1.70 6.29 5.39
CA MET A 64 -2.47 6.08 6.61
C MET A 64 -2.27 7.17 7.65
N THR A 65 -0.98 7.41 7.91
CA THR A 65 -0.63 8.49 8.82
C THR A 65 -1.11 9.84 8.35
N ALA A 66 -0.68 10.18 7.13
CA ALA A 66 -1.03 11.49 6.57
C ALA A 66 -0.59 12.63 7.48
N LYS A 67 -1.11 13.83 7.17
CA LYS A 67 -0.76 15.03 7.95
C LYS A 67 -1.79 16.13 7.80
CA CA B . 6.14 -5.45 -3.78
CA CA C . 5.56 7.03 -4.72
F1 HLT D . -6.34 3.81 -0.70
C2 HLT D . -6.60 3.95 0.64
F2 HLT D . -5.63 4.74 1.21
F3 HLT D . -7.82 4.53 0.82
C1 HLT D . -6.58 2.57 1.30
BR HLT D . -6.94 2.73 3.03
CL HLT D . -7.79 1.52 0.53
HC1 HLT D . -5.61 2.09 1.20
N GLU A 1 4.60 -0.30 14.98
CA GLU A 1 4.20 -1.56 15.61
C GLU A 1 4.25 -2.63 14.57
N GLU A 2 4.12 -3.88 15.00
CA GLU A 2 4.03 -4.95 14.01
C GLU A 2 2.79 -4.88 13.13
N GLU A 3 1.70 -4.40 13.73
CA GLU A 3 0.46 -4.35 12.97
C GLU A 3 0.62 -3.61 11.64
N ILE A 4 1.08 -2.36 11.84
CA ILE A 4 1.34 -1.59 10.63
C ILE A 4 2.58 -2.06 9.85
N ARG A 5 3.69 -2.18 10.60
CA ARG A 5 4.95 -2.49 9.95
C ARG A 5 5.07 -3.93 9.47
N GLU A 6 4.89 -4.84 10.43
CA GLU A 6 5.01 -6.25 10.09
C GLU A 6 3.92 -6.77 9.18
N ALA A 7 2.68 -6.27 9.39
CA ALA A 7 1.74 -6.63 8.33
C ALA A 7 2.19 -6.04 7.02
N PHE A 8 2.73 -4.81 7.09
CA PHE A 8 3.43 -4.27 5.92
C PHE A 8 4.57 -5.12 5.39
N ARG A 9 5.21 -5.84 6.31
CA ARG A 9 6.27 -6.72 5.86
C ARG A 9 5.73 -7.88 5.03
N VAL A 10 4.58 -8.38 5.49
CA VAL A 10 3.89 -9.38 4.67
C VAL A 10 3.34 -8.77 3.39
N PHE A 11 2.96 -7.50 3.53
CA PHE A 11 2.36 -6.77 2.42
C PHE A 11 3.29 -6.66 1.25
N ASP A 12 4.52 -6.25 1.59
CA ASP A 12 5.57 -6.34 0.58
C ASP A 12 6.07 -7.76 0.49
N LYS A 13 5.25 -8.52 -0.25
CA LYS A 13 5.47 -9.96 -0.30
C LYS A 13 6.85 -10.34 -0.77
N ASP A 14 7.37 -9.47 -1.63
CA ASP A 14 8.72 -9.67 -2.16
C ASP A 14 9.80 -9.01 -1.32
N GLY A 15 9.36 -8.05 -0.48
CA GLY A 15 10.36 -7.39 0.34
C GLY A 15 11.24 -6.44 -0.45
N ASN A 16 10.78 -6.11 -1.67
CA ASN A 16 11.51 -5.25 -2.59
C ASN A 16 11.72 -3.79 -2.13
N GLY A 17 11.02 -3.40 -1.05
CA GLY A 17 11.01 -2.00 -0.61
C GLY A 17 9.90 -1.13 -1.19
N TYR A 18 9.50 -1.51 -2.41
CA TYR A 18 8.52 -0.72 -3.13
C TYR A 18 7.18 -1.43 -3.23
N ILE A 19 6.14 -0.60 -3.20
CA ILE A 19 4.79 -1.12 -3.26
C ILE A 19 4.14 -0.80 -4.60
N SER A 20 3.58 -1.85 -5.19
CA SER A 20 2.79 -1.51 -6.36
C SER A 20 1.33 -1.53 -5.98
N ALA A 21 0.53 -0.91 -6.86
CA ALA A 21 -0.93 -0.90 -6.66
C ALA A 21 -1.48 -2.32 -6.42
N ALA A 22 -0.92 -3.23 -7.24
CA ALA A 22 -1.28 -4.65 -7.03
C ALA A 22 -1.06 -5.15 -5.60
N GLU A 23 0.02 -4.66 -5.02
CA GLU A 23 0.23 -4.94 -3.61
C GLU A 23 -0.64 -4.18 -2.67
N LEU A 24 -1.02 -2.96 -3.04
CA LEU A 24 -2.04 -2.33 -2.21
C LEU A 24 -3.28 -3.20 -2.08
N ARG A 25 -3.59 -3.88 -3.19
CA ARG A 25 -4.67 -4.86 -3.14
C ARG A 25 -4.35 -6.08 -2.28
N HIS A 26 -3.06 -6.42 -2.23
CA HIS A 26 -2.67 -7.45 -1.27
C HIS A 26 -2.97 -7.01 0.15
N VAL A 27 -2.48 -5.80 0.45
CA VAL A 27 -2.74 -5.23 1.77
C VAL A 27 -4.22 -5.20 2.07
N MET A 28 -4.98 -4.84 1.02
CA MET A 28 -6.45 -4.86 1.09
C MET A 28 -7.02 -6.25 1.36
N THR A 29 -6.37 -7.21 0.70
CA THR A 29 -6.68 -8.62 1.03
C THR A 29 -6.56 -8.93 2.50
N ASN A 30 -5.43 -8.49 3.05
CA ASN A 30 -5.20 -8.59 4.50
C ASN A 30 -6.21 -7.81 5.31
N LEU A 31 -6.57 -6.65 4.76
CA LEU A 31 -7.58 -5.81 5.38
C LEU A 31 -8.94 -6.50 5.43
N GLY A 32 -9.02 -7.61 4.69
CA GLY A 32 -10.27 -8.34 4.65
C GLY A 32 -11.06 -7.98 3.42
N GLU A 33 -10.90 -6.70 3.07
CA GLU A 33 -11.69 -6.13 1.99
C GLU A 33 -10.80 -5.89 0.80
N LYS A 34 -11.01 -6.73 -0.23
CA LYS A 34 -10.19 -6.53 -1.42
C LYS A 34 -10.84 -5.57 -2.36
N LEU A 35 -10.03 -4.66 -2.88
CA LEU A 35 -10.64 -3.72 -3.80
C LEU A 35 -10.31 -4.13 -5.23
N THR A 36 -11.19 -3.69 -6.13
CA THR A 36 -11.01 -4.16 -7.50
C THR A 36 -9.91 -3.41 -8.21
N ASP A 37 -9.56 -3.93 -9.39
CA ASP A 37 -8.46 -3.33 -10.15
C ASP A 37 -8.62 -1.83 -10.42
N GLU A 38 -9.89 -1.42 -10.56
CA GLU A 38 -10.20 0.01 -10.75
C GLU A 38 -9.72 0.85 -9.58
N GLU A 39 -10.10 0.30 -8.43
CA GLU A 39 -9.75 0.88 -7.17
C GLU A 39 -8.27 0.81 -6.92
N VAL A 40 -7.66 -0.30 -7.31
CA VAL A 40 -6.20 -0.43 -7.22
C VAL A 40 -5.43 0.71 -7.91
N ASP A 41 -6.05 1.16 -9.00
CA ASP A 41 -5.49 2.39 -9.59
C ASP A 41 -5.70 3.61 -8.72
N GLU A 42 -6.90 3.70 -8.15
CA GLU A 42 -7.09 4.68 -7.07
C GLU A 42 -6.12 4.52 -5.90
N MET A 43 -5.65 3.29 -5.70
CA MET A 43 -4.63 3.03 -4.70
C MET A 43 -3.37 3.72 -5.05
N ILE A 44 -3.01 3.70 -6.35
CA ILE A 44 -1.92 4.59 -6.74
C ILE A 44 -2.22 6.00 -6.29
N ARG A 45 -3.41 6.50 -6.57
CA ARG A 45 -3.66 7.89 -6.13
C ARG A 45 -3.54 8.17 -4.62
N GLU A 46 -4.31 7.37 -3.86
CA GLU A 46 -4.38 7.55 -2.40
C GLU A 46 -3.07 7.25 -1.71
N ALA A 47 -2.32 6.36 -2.37
CA ALA A 47 -1.04 6.00 -1.79
C ALA A 47 0.13 6.83 -2.27
N ASP A 48 -0.03 7.36 -3.48
CA ASP A 48 0.98 8.21 -4.10
C ASP A 48 0.78 9.67 -3.74
N ILE A 49 1.46 10.08 -2.69
CA ILE A 49 1.36 11.46 -2.22
C ILE A 49 2.48 12.37 -2.75
N ASP A 50 3.63 11.73 -2.92
CA ASP A 50 4.80 12.35 -3.50
C ASP A 50 4.65 12.67 -4.99
N GLY A 51 3.86 11.82 -5.66
CA GLY A 51 3.71 12.01 -7.09
C GLY A 51 4.92 11.60 -7.92
N ASP A 52 5.18 10.28 -7.83
CA ASP A 52 6.28 9.69 -8.60
C ASP A 52 5.82 8.62 -9.61
N GLY A 53 4.54 8.21 -9.46
CA GLY A 53 3.98 7.13 -10.26
C GLY A 53 4.15 5.70 -9.72
N GLN A 54 4.35 5.62 -8.39
CA GLN A 54 4.66 4.39 -7.65
C GLN A 54 4.22 4.58 -6.21
N VAL A 55 4.15 3.44 -5.53
CA VAL A 55 3.72 3.55 -4.15
C VAL A 55 4.88 3.10 -3.26
N ASN A 56 5.34 4.02 -2.43
CA ASN A 56 6.43 3.59 -1.55
C ASN A 56 6.00 3.36 -0.12
N TYR A 57 6.96 2.83 0.68
CA TYR A 57 6.67 2.59 2.11
C TYR A 57 6.41 3.87 2.91
N GLU A 58 7.18 4.88 2.50
CA GLU A 58 7.06 6.17 3.17
C GLU A 58 5.68 6.71 3.01
N GLU A 59 5.27 6.58 1.76
CA GLU A 59 3.91 6.88 1.36
C GLU A 59 2.88 5.97 1.97
N PHE A 60 3.27 4.72 2.21
CA PHE A 60 2.36 3.84 2.94
C PHE A 60 1.99 4.41 4.29
N VAL A 61 3.02 5.00 4.92
CA VAL A 61 2.79 5.78 6.13
C VAL A 61 1.98 7.03 5.87
N GLN A 62 2.36 7.74 4.82
CA GLN A 62 1.66 8.98 4.49
C GLN A 62 0.16 8.82 4.26
N MET A 63 -0.20 7.67 3.68
CA MET A 63 -1.59 7.37 3.37
C MET A 63 -2.37 6.97 4.61
N MET A 64 -1.76 6.05 5.37
CA MET A 64 -2.48 5.61 6.57
C MET A 64 -2.50 6.68 7.65
N THR A 65 -1.27 7.06 8.00
CA THR A 65 -1.05 8.10 9.01
C THR A 65 -1.67 9.42 8.62
N ALA A 66 -1.26 9.90 7.44
CA ALA A 66 -1.72 11.21 6.98
C ALA A 66 -1.41 12.32 7.97
N LYS A 67 -2.09 13.46 7.79
CA LYS A 67 -1.95 14.58 8.73
C LYS A 67 -3.06 15.60 8.56
CA CA B . 6.52 -5.04 -3.98
CA CA C . 5.16 7.58 -4.72
F1 HLT D . -7.13 2.99 3.88
C2 HLT D . -7.37 2.57 2.60
F2 HLT D . -8.54 1.86 2.56
F3 HLT D . -7.47 3.67 1.77
C1 HLT D . -6.22 1.69 2.12
BR HLT D . -4.69 2.61 2.15
CL HLT D . -6.06 0.27 3.18
HC1 HLT D . -6.37 1.34 1.11
N GLU A 1 5.10 -0.36 14.76
CA GLU A 1 4.73 -1.61 15.45
C GLU A 1 4.78 -2.71 14.44
N GLU A 2 4.70 -3.94 14.95
CA GLU A 2 4.62 -5.03 13.98
C GLU A 2 3.32 -5.03 13.19
N GLU A 3 2.24 -4.60 13.85
CA GLU A 3 0.96 -4.64 13.15
C GLU A 3 1.00 -3.92 11.81
N ILE A 4 1.44 -2.67 11.94
CA ILE A 4 1.58 -1.93 10.67
C ILE A 4 2.76 -2.36 9.81
N ARG A 5 3.93 -2.42 10.47
CA ARG A 5 5.15 -2.70 9.71
C ARG A 5 5.31 -4.17 9.31
N GLU A 6 5.22 -5.02 10.33
CA GLU A 6 5.40 -6.43 10.06
C GLU A 6 4.28 -7.08 9.28
N ALA A 7 3.04 -6.63 9.53
CA ALA A 7 2.05 -7.05 8.55
C ALA A 7 2.39 -6.49 7.20
N PHE A 8 2.85 -5.23 7.18
CA PHE A 8 3.42 -4.71 5.94
C PHE A 8 4.56 -5.53 5.36
N ARG A 9 5.31 -6.18 6.24
CA ARG A 9 6.34 -7.03 5.68
C ARG A 9 5.73 -8.24 5.00
N VAL A 10 4.66 -8.74 5.60
CA VAL A 10 3.93 -9.82 4.89
C VAL A 10 3.30 -9.34 3.58
N PHE A 11 2.85 -8.08 3.67
CA PHE A 11 2.18 -7.44 2.56
C PHE A 11 3.08 -7.34 1.36
N ASP A 12 4.30 -6.86 1.64
CA ASP A 12 5.40 -6.96 0.70
C ASP A 12 5.98 -8.37 0.67
N LYS A 13 5.20 -9.19 -0.04
CA LYS A 13 5.54 -10.62 -0.04
C LYS A 13 6.91 -10.97 -0.59
N ASP A 14 7.31 -10.10 -1.52
CA ASP A 14 8.63 -10.18 -2.12
C ASP A 14 9.68 -9.45 -1.30
N GLY A 15 9.17 -8.46 -0.55
CA GLY A 15 10.05 -7.71 0.33
C GLY A 15 11.01 -6.83 -0.46
N ASN A 16 10.54 -6.45 -1.66
CA ASN A 16 11.38 -5.60 -2.53
C ASN A 16 11.59 -4.19 -2.00
N GLY A 17 10.71 -3.83 -1.05
CA GLY A 17 10.68 -2.48 -0.49
C GLY A 17 9.67 -1.56 -1.15
N TYR A 18 9.20 -2.04 -2.31
CA TYR A 18 8.33 -1.21 -3.11
C TYR A 18 6.95 -1.83 -3.17
N ILE A 19 5.97 -0.91 -3.24
CA ILE A 19 4.59 -1.37 -3.32
C ILE A 19 3.99 -1.01 -4.65
N SER A 20 3.31 -1.98 -5.23
CA SER A 20 2.59 -1.64 -6.43
C SER A 20 1.11 -1.59 -6.11
N ALA A 21 0.39 -0.87 -7.00
CA ALA A 21 -1.07 -0.79 -6.84
C ALA A 21 -1.75 -2.14 -6.57
N ALA A 22 -1.24 -3.10 -7.36
CA ALA A 22 -1.70 -4.49 -7.12
C ALA A 22 -1.52 -4.99 -5.70
N GLU A 23 -0.31 -4.75 -5.15
CA GLU A 23 -0.09 -5.04 -3.75
C GLU A 23 -0.92 -4.25 -2.78
N LEU A 24 -1.31 -3.03 -3.20
CA LEU A 24 -2.33 -2.35 -2.42
C LEU A 24 -3.58 -3.21 -2.27
N ARG A 25 -4.06 -3.72 -3.40
CA ARG A 25 -5.16 -4.71 -3.29
C ARG A 25 -4.88 -5.91 -2.39
N HIS A 26 -3.60 -6.26 -2.30
CA HIS A 26 -3.26 -7.27 -1.30
C HIS A 26 -3.56 -6.79 0.11
N VAL A 27 -2.98 -5.62 0.44
CA VAL A 27 -3.26 -5.11 1.78
C VAL A 27 -4.75 -4.91 1.98
N MET A 28 -5.43 -4.56 0.91
CA MET A 28 -6.92 -4.52 0.96
C MET A 28 -7.54 -5.86 1.27
N THR A 29 -7.00 -6.87 0.58
CA THR A 29 -7.44 -8.24 0.91
C THR A 29 -7.26 -8.57 2.37
N ASN A 30 -6.08 -8.20 2.90
CA ASN A 30 -5.81 -8.35 4.32
C ASN A 30 -6.80 -7.59 5.19
N LEU A 31 -7.07 -6.37 4.72
CA LEU A 31 -8.01 -5.48 5.38
C LEU A 31 -9.44 -6.02 5.37
N GLY A 32 -9.60 -7.13 4.64
CA GLY A 32 -10.93 -7.73 4.59
C GLY A 32 -11.70 -7.26 3.38
N GLU A 33 -11.44 -5.99 3.07
CA GLU A 33 -12.16 -5.34 2.00
C GLU A 33 -11.27 -5.12 0.83
N LYS A 34 -11.58 -5.87 -0.23
CA LYS A 34 -10.77 -5.72 -1.44
C LYS A 34 -11.36 -4.73 -2.37
N LEU A 35 -10.52 -3.81 -2.81
CA LEU A 35 -11.05 -2.84 -3.73
C LEU A 35 -10.77 -3.28 -5.15
N THR A 36 -11.65 -2.82 -6.05
CA THR A 36 -11.53 -3.29 -7.41
C THR A 36 -10.38 -2.62 -8.16
N ASP A 37 -10.08 -3.16 -9.35
CA ASP A 37 -9.00 -2.62 -10.14
C ASP A 37 -9.06 -1.10 -10.38
N GLU A 38 -10.31 -0.60 -10.50
CA GLU A 38 -10.52 0.85 -10.65
C GLU A 38 -9.93 1.61 -9.47
N GLU A 39 -10.39 1.09 -8.33
CA GLU A 39 -9.95 1.63 -7.07
C GLU A 39 -8.45 1.48 -6.87
N VAL A 40 -7.92 0.37 -7.37
CA VAL A 40 -6.45 0.18 -7.29
C VAL A 40 -5.64 1.32 -7.92
N ASP A 41 -6.23 1.82 -9.02
CA ASP A 41 -5.66 3.01 -9.63
C ASP A 41 -5.80 4.24 -8.72
N GLU A 42 -7.01 4.37 -8.16
CA GLU A 42 -7.16 5.37 -7.09
C GLU A 42 -6.24 5.16 -5.90
N MET A 43 -5.87 3.89 -5.68
CA MET A 43 -4.96 3.54 -4.61
C MET A 43 -3.61 4.11 -4.86
N ILE A 44 -3.22 4.10 -6.15
CA ILE A 44 -2.02 4.87 -6.47
C ILE A 44 -2.21 6.30 -6.04
N ARG A 45 -3.32 6.92 -6.42
CA ARG A 45 -3.48 8.34 -6.01
C ARG A 45 -3.44 8.60 -4.49
N GLU A 46 -4.04 7.62 -3.77
CA GLU A 46 -4.17 7.80 -2.34
C GLU A 46 -2.88 7.51 -1.59
N ALA A 47 -2.16 6.56 -2.19
CA ALA A 47 -0.90 6.14 -1.59
C ALA A 47 0.30 6.93 -2.05
N ASP A 48 0.16 7.47 -3.27
CA ASP A 48 1.19 8.25 -3.93
C ASP A 48 1.11 9.73 -3.53
N ILE A 49 1.85 10.04 -2.49
CA ILE A 49 1.88 11.44 -2.01
C ILE A 49 3.06 12.23 -2.57
N ASP A 50 4.15 11.50 -2.76
CA ASP A 50 5.36 12.03 -3.37
C ASP A 50 5.19 12.39 -4.85
N GLY A 51 4.35 11.60 -5.52
CA GLY A 51 4.17 11.83 -6.96
C GLY A 51 5.36 11.33 -7.78
N ASP A 52 5.53 10.01 -7.75
CA ASP A 52 6.59 9.38 -8.54
C ASP A 52 6.07 8.36 -9.58
N GLY A 53 4.78 8.03 -9.43
CA GLY A 53 4.17 6.97 -10.26
C GLY A 53 4.27 5.55 -9.73
N GLN A 54 4.44 5.43 -8.40
CA GLN A 54 4.69 4.17 -7.68
C GLN A 54 4.25 4.37 -6.26
N VAL A 55 4.11 3.22 -5.59
CA VAL A 55 3.69 3.36 -4.21
C VAL A 55 4.81 2.83 -3.35
N ASN A 56 5.35 3.70 -2.50
CA ASN A 56 6.41 3.18 -1.65
C ASN A 56 6.01 2.93 -0.21
N TYR A 57 6.96 2.36 0.53
CA TYR A 57 6.73 2.11 1.97
C TYR A 57 6.55 3.38 2.79
N GLU A 58 7.32 4.37 2.36
CA GLU A 58 7.25 5.64 3.11
C GLU A 58 5.87 6.22 3.03
N GLU A 59 5.43 6.19 1.77
CA GLU A 59 4.07 6.50 1.39
C GLU A 59 3.02 5.62 2.00
N PHE A 60 3.39 4.37 2.25
CA PHE A 60 2.47 3.49 3.00
C PHE A 60 2.09 4.09 4.35
N VAL A 61 3.14 4.66 4.97
CA VAL A 61 2.93 5.46 6.20
C VAL A 61 2.20 6.75 5.92
N GLN A 62 2.71 7.46 4.91
CA GLN A 62 2.11 8.75 4.58
C GLN A 62 0.61 8.70 4.28
N MET A 63 0.17 7.52 3.79
CA MET A 63 -1.24 7.31 3.48
C MET A 63 -2.04 7.12 4.75
N MET A 64 -1.56 6.15 5.55
CA MET A 64 -2.35 5.93 6.78
C MET A 64 -2.15 6.96 7.87
N THR A 65 -0.87 7.13 8.20
CA THR A 65 -0.50 8.19 9.13
C THR A 65 -0.94 9.56 8.66
N ALA A 66 -0.43 9.94 7.47
CA ALA A 66 -0.74 11.26 6.93
C ALA A 66 -0.42 12.36 7.93
N LYS A 67 -1.05 13.54 7.76
CA LYS A 67 -0.91 14.65 8.71
C LYS A 67 -2.01 15.69 8.48
CA CA B . 6.41 -5.48 -3.57
CA CA C . 5.26 7.30 -4.72
F1 HLT D . -5.79 2.92 3.70
C2 HLT D . -6.82 2.26 3.09
F2 HLT D . -6.92 1.00 3.60
F3 HLT D . -7.99 2.94 3.31
C1 HLT D . -6.56 2.18 1.58
BR HLT D . -7.89 1.33 0.76
CL HLT D . -6.38 3.83 0.91
HC1 HLT D . -5.63 1.64 1.37
N GLU A 1 4.70 0.02 15.17
CA GLU A 1 4.52 -1.29 15.80
C GLU A 1 4.55 -2.31 14.71
N GLU A 2 4.74 -3.56 15.10
CA GLU A 2 4.56 -4.69 14.18
C GLU A 2 3.24 -4.69 13.44
N GLU A 3 2.18 -4.26 14.13
CA GLU A 3 0.87 -4.24 13.47
C GLU A 3 0.93 -3.53 12.14
N ILE A 4 1.33 -2.25 12.22
CA ILE A 4 1.47 -1.53 10.95
C ILE A 4 2.67 -1.93 10.09
N ARG A 5 3.83 -1.95 10.77
CA ARG A 5 5.10 -2.21 10.09
C ARG A 5 5.29 -3.65 9.64
N GLU A 6 5.15 -4.54 10.61
CA GLU A 6 5.33 -5.95 10.28
C GLU A 6 4.22 -6.52 9.43
N ALA A 7 2.97 -6.06 9.66
CA ALA A 7 1.99 -6.49 8.66
C ALA A 7 2.38 -5.95 7.32
N PHE A 8 2.87 -4.70 7.32
CA PHE A 8 3.49 -4.20 6.09
C PHE A 8 4.64 -5.05 5.57
N ARG A 9 5.36 -5.67 6.50
CA ARG A 9 6.38 -6.57 6.01
C ARG A 9 5.82 -7.79 5.30
N VAL A 10 4.69 -8.27 5.82
CA VAL A 10 4.00 -9.33 5.07
C VAL A 10 3.36 -8.82 3.80
N PHE A 11 3.00 -7.54 3.86
CA PHE A 11 2.35 -6.89 2.73
C PHE A 11 3.23 -6.87 1.51
N ASP A 12 4.46 -6.39 1.76
CA ASP A 12 5.52 -6.56 0.78
C ASP A 12 6.03 -7.98 0.80
N LYS A 13 5.21 -8.79 0.14
CA LYS A 13 5.46 -10.24 0.20
C LYS A 13 6.84 -10.65 -0.29
N ASP A 14 7.33 -9.84 -1.23
CA ASP A 14 8.66 -10.08 -1.78
C ASP A 14 9.76 -9.35 -1.05
N GLY A 15 9.32 -8.33 -0.29
CA GLY A 15 10.32 -7.57 0.46
C GLY A 15 11.15 -6.67 -0.43
N ASN A 16 10.60 -6.38 -1.61
CA ASN A 16 11.32 -5.55 -2.58
C ASN A 16 11.60 -4.09 -2.16
N GLY A 17 10.99 -3.69 -1.03
CA GLY A 17 11.02 -2.28 -0.58
C GLY A 17 9.85 -1.44 -1.07
N TYR A 18 9.39 -1.83 -2.26
CA TYR A 18 8.39 -1.03 -2.96
C TYR A 18 7.04 -1.72 -3.03
N ILE A 19 6.03 -0.85 -2.95
CA ILE A 19 4.66 -1.34 -3.07
C ILE A 19 4.12 -1.03 -4.44
N SER A 20 3.50 -2.05 -5.02
CA SER A 20 2.78 -1.75 -6.24
C SER A 20 1.32 -1.78 -5.93
N ALA A 21 0.57 -1.08 -6.82
CA ALA A 21 -0.89 -1.02 -6.72
C ALA A 21 -1.52 -2.41 -6.48
N ALA A 22 -0.94 -3.35 -7.26
CA ALA A 22 -1.36 -4.75 -7.05
C ALA A 22 -1.16 -5.28 -5.63
N GLU A 23 0.02 -4.94 -5.09
CA GLU A 23 0.22 -5.24 -3.67
C GLU A 23 -0.64 -4.45 -2.73
N LEU A 24 -1.09 -3.27 -3.18
CA LEU A 24 -2.14 -2.64 -2.40
C LEU A 24 -3.35 -3.56 -2.27
N ARG A 25 -3.76 -4.17 -3.38
CA ARG A 25 -4.79 -5.20 -3.26
C ARG A 25 -4.46 -6.35 -2.29
N HIS A 26 -3.16 -6.60 -2.15
CA HIS A 26 -2.79 -7.52 -1.08
C HIS A 26 -3.11 -6.98 0.29
N VAL A 27 -2.63 -5.73 0.53
CA VAL A 27 -2.98 -5.14 1.82
C VAL A 27 -4.48 -5.11 2.03
N MET A 28 -5.21 -4.85 0.94
CA MET A 28 -6.68 -4.91 0.98
C MET A 28 -7.21 -6.28 1.37
N THR A 29 -6.59 -7.28 0.74
CA THR A 29 -6.86 -8.66 1.16
C THR A 29 -6.71 -8.86 2.64
N ASN A 30 -5.59 -8.35 3.17
CA ASN A 30 -5.38 -8.36 4.62
C ASN A 30 -6.43 -7.58 5.39
N LEU A 31 -6.81 -6.44 4.82
CA LEU A 31 -7.83 -5.57 5.40
C LEU A 31 -9.21 -6.22 5.40
N GLY A 32 -9.27 -7.38 4.73
CA GLY A 32 -10.54 -8.09 4.68
C GLY A 32 -11.28 -7.79 3.40
N GLU A 33 -11.14 -6.52 3.02
CA GLU A 33 -11.89 -6.01 1.89
C GLU A 33 -10.98 -5.87 0.72
N LYS A 34 -11.28 -6.65 -0.32
CA LYS A 34 -10.41 -6.50 -1.49
C LYS A 34 -11.01 -5.53 -2.49
N LEU A 35 -10.20 -4.58 -2.89
CA LEU A 35 -10.75 -3.65 -3.87
C LEU A 35 -10.41 -4.12 -5.28
N THR A 36 -11.23 -3.65 -6.23
CA THR A 36 -10.99 -4.10 -7.60
C THR A 36 -9.87 -3.31 -8.25
N ASP A 37 -9.54 -3.74 -9.47
CA ASP A 37 -8.45 -3.11 -10.21
C ASP A 37 -8.65 -1.61 -10.47
N GLU A 38 -9.92 -1.22 -10.57
CA GLU A 38 -10.28 0.20 -10.72
C GLU A 38 -9.78 1.02 -9.54
N GLU A 39 -10.17 0.44 -8.39
CA GLU A 39 -9.82 1.02 -7.12
C GLU A 39 -8.33 1.02 -6.93
N VAL A 40 -7.71 -0.11 -7.27
CA VAL A 40 -6.24 -0.22 -7.26
C VAL A 40 -5.49 0.91 -8.00
N ASP A 41 -6.14 1.33 -9.08
CA ASP A 41 -5.62 2.52 -9.74
C ASP A 41 -5.74 3.76 -8.85
N GLU A 42 -6.92 3.90 -8.25
CA GLU A 42 -7.05 4.88 -7.18
C GLU A 42 -6.05 4.69 -6.04
N MET A 43 -5.65 3.44 -5.81
CA MET A 43 -4.62 3.15 -4.82
C MET A 43 -3.31 3.77 -5.19
N ILE A 44 -3.01 3.73 -6.50
CA ILE A 44 -1.86 4.55 -6.90
C ILE A 44 -2.06 5.96 -6.44
N ARG A 45 -3.21 6.52 -6.71
CA ARG A 45 -3.42 7.90 -6.25
C ARG A 45 -3.32 8.18 -4.74
N GLU A 46 -4.16 7.46 -3.98
CA GLU A 46 -4.27 7.63 -2.53
C GLU A 46 -2.99 7.26 -1.82
N ALA A 47 -2.29 6.31 -2.44
CA ALA A 47 -1.02 5.91 -1.86
C ALA A 47 0.18 6.67 -2.34
N ASP A 48 0.05 7.24 -3.56
CA ASP A 48 1.11 8.05 -4.15
C ASP A 48 0.96 9.52 -3.78
N ILE A 49 1.63 9.90 -2.70
CA ILE A 49 1.60 11.30 -2.24
C ILE A 49 2.76 12.13 -2.76
N ASP A 50 3.90 11.45 -2.88
CA ASP A 50 5.10 12.04 -3.44
C ASP A 50 4.99 12.38 -4.94
N GLY A 51 4.19 11.54 -5.61
CA GLY A 51 4.07 11.73 -7.05
C GLY A 51 5.29 11.25 -7.84
N ASP A 52 5.50 9.93 -7.77
CA ASP A 52 6.59 9.30 -8.51
C ASP A 52 6.12 8.23 -9.53
N GLY A 53 4.82 7.88 -9.41
CA GLY A 53 4.27 6.80 -10.23
C GLY A 53 4.38 5.38 -9.67
N GLN A 54 4.55 5.30 -8.34
CA GLN A 54 4.78 4.08 -7.57
C GLN A 54 4.31 4.30 -6.14
N VAL A 55 4.17 3.19 -5.45
CA VAL A 55 3.70 3.32 -4.08
C VAL A 55 4.80 2.86 -3.16
N ASN A 56 5.22 3.76 -2.29
CA ASN A 56 6.29 3.32 -1.41
C ASN A 56 5.87 3.12 0.04
N TYR A 57 6.82 2.58 0.83
CA TYR A 57 6.54 2.37 2.27
C TYR A 57 6.31 3.66 3.05
N GLU A 58 7.09 4.65 2.61
CA GLU A 58 6.97 5.94 3.29
C GLU A 58 5.60 6.49 3.13
N GLU A 59 5.18 6.37 1.88
CA GLU A 59 3.82 6.68 1.47
C GLU A 59 2.77 5.82 2.11
N PHE A 60 3.14 4.58 2.42
CA PHE A 60 2.22 3.75 3.21
C PHE A 60 1.88 4.38 4.55
N VAL A 61 2.91 5.02 5.10
CA VAL A 61 2.70 5.87 6.27
C VAL A 61 1.93 7.13 5.93
N GLN A 62 2.39 7.82 4.90
CA GLN A 62 1.75 9.09 4.54
C GLN A 62 0.25 8.97 4.23
N MET A 63 -0.12 7.77 3.78
CA MET A 63 -1.53 7.55 3.45
C MET A 63 -2.37 7.36 4.70
N MET A 64 -1.88 6.46 5.56
CA MET A 64 -2.66 6.25 6.79
C MET A 64 -2.51 7.33 7.83
N THR A 65 -1.24 7.59 8.13
CA THR A 65 -0.90 8.68 9.04
C THR A 65 -1.41 10.02 8.55
N ALA A 66 -1.05 10.34 7.30
CA ALA A 66 -1.42 11.63 6.73
C ALA A 66 -0.92 12.79 7.57
N LYS A 67 -1.41 14.00 7.25
CA LYS A 67 -0.97 15.21 7.95
C LYS A 67 -1.90 16.38 7.69
CA CA B . 6.30 -5.37 -3.57
CA CA C . 5.26 7.29 -4.65
F1 HLT D . -6.92 0.47 -0.57
C2 HLT D . -7.02 1.29 0.53
F2 HLT D . -7.63 2.47 0.16
F3 HLT D . -7.80 0.67 1.48
C1 HLT D . -5.64 1.57 1.09
BR HLT D . -4.86 0.05 1.59
CL HLT D . -4.64 2.41 -0.12
HC1 HLT D . -5.70 2.22 1.97
N GLU A 1 4.96 -0.26 14.94
CA GLU A 1 4.22 -1.45 15.33
C GLU A 1 4.36 -2.53 14.33
N GLU A 2 4.22 -3.75 14.82
CA GLU A 2 4.15 -4.86 13.89
C GLU A 2 2.90 -4.79 13.01
N GLU A 3 1.81 -4.33 13.62
CA GLU A 3 0.56 -4.31 12.87
C GLU A 3 0.68 -3.59 11.53
N ILE A 4 1.14 -2.35 11.71
CA ILE A 4 1.39 -1.59 10.48
C ILE A 4 2.63 -2.05 9.70
N ARG A 5 3.75 -2.13 10.42
CA ARG A 5 4.99 -2.44 9.70
C ARG A 5 5.12 -3.91 9.30
N GLU A 6 4.99 -4.77 10.30
CA GLU A 6 5.12 -6.19 10.00
C GLU A 6 4.02 -6.77 9.13
N ALA A 7 2.78 -6.25 9.32
CA ALA A 7 1.84 -6.65 8.28
C ALA A 7 2.29 -6.11 6.95
N PHE A 8 2.79 -4.86 6.94
CA PHE A 8 3.47 -4.39 5.73
C PHE A 8 4.61 -5.27 5.23
N ARG A 9 5.26 -5.92 6.19
CA ARG A 9 6.31 -6.83 5.79
C ARG A 9 5.78 -8.05 5.05
N VAL A 10 4.61 -8.51 5.51
CA VAL A 10 3.93 -9.55 4.73
C VAL A 10 3.38 -9.02 3.41
N PHE A 11 2.97 -7.74 3.50
CA PHE A 11 2.37 -7.07 2.36
C PHE A 11 3.30 -7.04 1.19
N ASP A 12 4.52 -6.59 1.48
CA ASP A 12 5.57 -6.71 0.49
C ASP A 12 6.10 -8.13 0.44
N LYS A 13 5.29 -8.94 -0.22
CA LYS A 13 5.56 -10.38 -0.20
C LYS A 13 6.94 -10.78 -0.71
N ASP A 14 7.41 -9.94 -1.61
CA ASP A 14 8.74 -10.12 -2.18
C ASP A 14 9.85 -9.42 -1.41
N GLY A 15 9.40 -8.46 -0.58
CA GLY A 15 10.39 -7.75 0.21
C GLY A 15 11.24 -6.80 -0.62
N ASN A 16 10.74 -6.50 -1.83
CA ASN A 16 11.44 -5.65 -2.79
C ASN A 16 11.65 -4.19 -2.37
N GLY A 17 11.01 -3.79 -1.25
CA GLY A 17 11.01 -2.38 -0.84
C GLY A 17 9.90 -1.52 -1.41
N TYR A 18 9.46 -1.92 -2.61
CA TYR A 18 8.48 -1.13 -3.33
C TYR A 18 7.13 -1.84 -3.40
N ILE A 19 6.12 -0.99 -3.38
CA ILE A 19 4.75 -1.52 -3.40
C ILE A 19 4.06 -1.11 -4.66
N SER A 20 3.43 -2.10 -5.29
CA SER A 20 2.62 -1.67 -6.40
C SER A 20 1.16 -1.67 -6.04
N ALA A 21 0.35 -1.05 -6.92
CA ALA A 21 -1.10 -1.08 -6.73
C ALA A 21 -1.65 -2.48 -6.44
N ALA A 22 -1.08 -3.41 -7.26
CA ALA A 22 -1.40 -4.83 -7.02
C ALA A 22 -1.23 -5.32 -5.59
N GLU A 23 -0.12 -4.86 -5.00
CA GLU A 23 0.07 -5.14 -3.59
C GLU A 23 -0.75 -4.30 -2.66
N LEU A 24 -1.06 -3.07 -3.10
CA LEU A 24 -2.06 -2.29 -2.37
C LEU A 24 -3.38 -3.02 -2.23
N ARG A 25 -3.65 -3.88 -3.23
CA ARG A 25 -4.79 -4.79 -3.14
C ARG A 25 -4.55 -5.94 -2.17
N HIS A 26 -3.30 -6.38 -2.12
CA HIS A 26 -3.01 -7.38 -1.08
C HIS A 26 -3.26 -6.81 0.31
N VAL A 27 -2.73 -5.58 0.48
CA VAL A 27 -2.99 -4.91 1.74
C VAL A 27 -4.49 -4.71 1.96
N MET A 28 -5.20 -4.41 0.86
CA MET A 28 -6.66 -4.35 0.94
C MET A 28 -7.31 -5.64 1.40
N THR A 29 -6.75 -6.72 0.88
CA THR A 29 -7.14 -8.04 1.38
C THR A 29 -7.02 -8.15 2.88
N ASN A 30 -5.86 -7.69 3.36
CA ASN A 30 -5.60 -7.63 4.81
C ASN A 30 -6.55 -6.69 5.56
N LEU A 31 -6.85 -5.58 4.88
CA LEU A 31 -7.80 -4.62 5.40
C LEU A 31 -9.20 -5.21 5.53
N GLY A 32 -9.36 -6.37 4.87
CA GLY A 32 -10.68 -7.00 4.92
C GLY A 32 -11.44 -6.75 3.63
N GLU A 33 -11.23 -5.54 3.14
CA GLU A 33 -11.98 -5.07 1.99
C GLU A 33 -11.08 -5.06 0.78
N LYS A 34 -11.40 -6.00 -0.14
CA LYS A 34 -10.61 -5.99 -1.36
C LYS A 34 -11.31 -5.20 -2.42
N LEU A 35 -10.64 -4.16 -2.89
CA LEU A 35 -11.32 -3.40 -3.90
C LEU A 35 -10.89 -3.86 -5.28
N THR A 36 -11.71 -3.55 -6.29
CA THR A 36 -11.39 -4.07 -7.61
C THR A 36 -10.24 -3.30 -8.25
N ASP A 37 -9.85 -3.77 -9.43
CA ASP A 37 -8.73 -3.15 -10.16
C ASP A 37 -8.83 -1.64 -10.32
N GLU A 38 -10.08 -1.22 -10.57
CA GLU A 38 -10.43 0.20 -10.70
C GLU A 38 -9.93 0.97 -9.48
N GLU A 39 -10.40 0.41 -8.37
CA GLU A 39 -10.08 1.02 -7.10
C GLU A 39 -8.61 0.94 -6.76
N VAL A 40 -7.98 -0.16 -7.18
CA VAL A 40 -6.52 -0.26 -7.07
C VAL A 40 -5.74 0.86 -7.74
N ASP A 41 -6.33 1.28 -8.86
CA ASP A 41 -5.79 2.49 -9.49
C ASP A 41 -5.97 3.71 -8.61
N GLU A 42 -7.17 3.82 -8.04
CA GLU A 42 -7.33 4.81 -6.97
C GLU A 42 -6.40 4.60 -5.79
N MET A 43 -6.03 3.34 -5.55
CA MET A 43 -5.08 3.05 -4.50
C MET A 43 -3.70 3.54 -4.83
N ILE A 44 -3.36 3.53 -6.14
CA ILE A 44 -2.17 4.28 -6.53
C ILE A 44 -2.32 5.69 -6.07
N ARG A 45 -3.45 6.31 -6.42
CA ARG A 45 -3.61 7.70 -5.99
C ARG A 45 -3.43 7.90 -4.48
N GLU A 46 -4.32 7.24 -3.71
CA GLU A 46 -4.35 7.43 -2.26
C GLU A 46 -3.07 7.04 -1.56
N ALA A 47 -2.36 6.12 -2.23
CA ALA A 47 -1.07 5.74 -1.68
C ALA A 47 0.10 6.54 -2.19
N ASP A 48 -0.08 7.13 -3.38
CA ASP A 48 0.95 7.91 -4.04
C ASP A 48 0.81 9.38 -3.67
N ILE A 49 1.54 9.76 -2.64
CA ILE A 49 1.52 11.15 -2.17
C ILE A 49 2.65 12.01 -2.75
N ASP A 50 3.78 11.33 -2.92
CA ASP A 50 4.95 11.92 -3.55
C ASP A 50 4.75 12.23 -5.03
N GLY A 51 3.89 11.41 -5.65
CA GLY A 51 3.67 11.58 -7.09
C GLY A 51 4.84 11.12 -7.94
N ASP A 52 5.08 9.80 -7.88
CA ASP A 52 6.15 9.19 -8.69
C ASP A 52 5.62 8.14 -9.70
N GLY A 53 4.33 7.76 -9.49
CA GLY A 53 3.72 6.69 -10.27
C GLY A 53 3.84 5.26 -9.73
N GLN A 54 4.13 5.18 -8.41
CA GLN A 54 4.40 3.94 -7.68
C GLN A 54 4.02 4.14 -6.23
N VAL A 55 3.92 3.00 -5.53
CA VAL A 55 3.54 3.13 -4.14
C VAL A 55 4.70 2.68 -3.28
N ASN A 56 5.14 3.59 -2.43
CA ASN A 56 6.27 3.15 -1.62
C ASN A 56 5.90 2.94 -0.18
N TYR A 57 6.89 2.43 0.58
CA TYR A 57 6.68 2.20 2.02
C TYR A 57 6.48 3.47 2.82
N GLU A 58 7.25 4.47 2.36
CA GLU A 58 7.17 5.74 3.06
C GLU A 58 5.79 6.30 2.96
N GLU A 59 5.33 6.22 1.72
CA GLU A 59 3.96 6.55 1.35
C GLU A 59 2.92 5.66 1.97
N PHE A 60 3.31 4.42 2.22
CA PHE A 60 2.42 3.56 2.99
C PHE A 60 2.13 4.12 4.36
N VAL A 61 3.19 4.73 4.92
CA VAL A 61 3.03 5.51 6.14
C VAL A 61 2.24 6.78 5.89
N GLN A 62 2.62 7.49 4.84
CA GLN A 62 1.96 8.75 4.54
C GLN A 62 0.44 8.65 4.34
N MET A 63 0.04 7.48 3.84
CA MET A 63 -1.37 7.23 3.58
C MET A 63 -2.13 6.93 4.85
N MET A 64 -1.53 6.04 5.64
CA MET A 64 -2.24 5.70 6.88
C MET A 64 -2.13 6.76 7.95
N THR A 65 -0.88 7.10 8.19
CA THR A 65 -0.55 8.16 9.13
C THR A 65 -1.17 9.48 8.75
N ALA A 66 -0.92 9.87 7.49
CA ALA A 66 -1.42 11.15 6.99
C ALA A 66 -0.93 12.30 7.85
N LYS A 67 -1.61 13.46 7.71
CA LYS A 67 -1.24 14.63 8.49
C LYS A 67 -2.41 15.62 8.59
CA CA B . 6.43 -5.48 -4.06
CA CA C . 5.09 7.13 -4.81
F1 HLT D . -7.75 3.28 0.64
C2 HLT D . -6.66 3.75 1.32
F2 HLT D . -5.69 4.14 0.43
F3 HLT D . -7.02 4.81 2.10
C1 HLT D . -6.09 2.64 2.21
BR HLT D . -4.69 3.26 3.13
CL HLT D . -7.35 2.08 3.34
HC1 HLT D . -5.76 1.79 1.62
#